data_2IFF
#
_entry.id   2IFF
#
_cell.length_a   54.800
_cell.length_b   74.800
_cell.length_c   79.000
_cell.angle_alpha   90.00
_cell.angle_beta   101.80
_cell.angle_gamma   90.00
#
_symmetry.space_group_name_H-M   'P 1 21 1'
#
loop_
_entity.id
_entity.type
_entity.pdbx_description
1 polymer 'IGG1 HYHEL-5 FAB (LIGHT CHAIN)'
2 polymer 'IGG1 HYHEL-5 FAB (HEAVY CHAIN)'
3 polymer 'HEN EGG WHITE LYSOZYME'
4 water water
#
loop_
_entity_poly.entity_id
_entity_poly.type
_entity_poly.pdbx_seq_one_letter_code
_entity_poly.pdbx_strand_id
1 'polypeptide(L)'
;DIVLTQSPAIMSASPGEKVTMTCSASSSVNYMYWYQQKSGTSPKRWIYDTSKLASGVPVRFSGSGSGTSYSLTISSMETE
DAATYYCQQWGRNPTFGGGTKLEIKRADAAPTVSIFPPSSEQLTSGGASVVCFLNNFYPKDINVKWKIDGSERQNGVLNS
WTDQDSKDSTYSMSSTLTLTKDEYERHNSYTCEATHKTSTSPIVKSFNRNEC
;
L
2 'polypeptide(L)'
;(PGA)VQLQQSGAELMKPGASVKISCKASGYTFSDYWIEWVKQRPGHGLEWIGEILPGSGSTNYHERFKGKATFTADTSS
STAYMQLNSLTSEDSGVYYCLHGNYDFDGWGQGTTLTVSSAKTTPPSVYPLAPGSAAQTNSMVTLGCLVKGYFPEPVTVT
WNSGSLSSGVHTFPAVLQSDLYTLSSSVTVPSSPRPSETVTCNVAHPASSTKVDKKIVP
;
H
3 'polypeptide(L)'
;KVFGRCELAAAMKRHGLDNYRGYSLGNWVCAAKFESNFNTQATNRNTDGSTDYGILQINSRWWCNDGKTPGSRNLCNIPC
SALLSSDITASVNCAKKIVSDGNGMNAWVAWRNRCKGTDVQAWIRGCRL
;
Y
#
loop_
_chem_comp.id
_chem_comp.type
_chem_comp.name
_chem_comp.formula
PGA non-polymer '2-PHOSPHOGLYCOLIC ACID' 'C2 H5 O6 P'
#
# COMPACT_ATOMS: atom_id res chain seq x y z
N ASP A 1 -13.48 9.28 5.18
CA ASP A 1 -14.15 10.42 5.79
C ASP A 1 -13.31 11.05 6.92
N ILE A 2 -13.09 10.31 8.00
CA ILE A 2 -12.40 10.80 9.18
C ILE A 2 -10.89 10.82 8.92
N VAL A 3 -10.13 11.74 9.53
CA VAL A 3 -8.67 11.80 9.41
C VAL A 3 -8.16 11.02 10.62
N LEU A 4 -7.22 10.10 10.46
CA LEU A 4 -6.76 9.26 11.55
C LEU A 4 -5.28 9.51 11.77
N THR A 5 -4.84 9.67 13.00
CA THR A 5 -3.46 10.00 13.28
C THR A 5 -2.90 9.02 14.30
N GLN A 6 -1.72 8.48 13.96
CA GLN A 6 -1.09 7.45 14.75
C GLN A 6 0.11 8.00 15.47
N SER A 7 0.03 7.86 16.78
CA SER A 7 1.06 8.27 17.72
C SER A 7 1.79 6.99 18.16
N PRO A 8 3.12 6.88 18.05
CA PRO A 8 3.97 7.80 17.31
C PRO A 8 4.31 7.28 15.92
N ALA A 9 5.27 7.92 15.27
CA ALA A 9 5.69 7.51 13.95
C ALA A 9 6.57 6.29 13.97
N ILE A 10 7.68 6.28 14.72
CA ILE A 10 8.56 5.12 14.75
C ILE A 10 8.73 4.78 16.23
N MET A 11 8.87 3.50 16.60
CA MET A 11 9.11 3.08 17.98
C MET A 11 10.20 2.03 18.01
N SER A 12 10.98 2.01 19.07
CA SER A 12 11.98 1.00 19.28
C SER A 12 11.44 0.16 20.42
N ALA A 13 11.83 -1.10 20.52
CA ALA A 13 11.41 -1.95 21.63
C ALA A 13 12.33 -3.16 21.65
N SER A 14 12.60 -3.76 22.79
CA SER A 14 13.38 -4.99 22.83
C SER A 14 12.34 -6.11 22.80
N PRO A 15 12.61 -7.37 22.45
CA PRO A 15 11.80 -8.52 22.84
C PRO A 15 11.51 -8.52 24.34
N GLY A 16 10.36 -9.06 24.75
CA GLY A 16 9.97 -9.08 26.15
C GLY A 16 9.34 -7.78 26.60
N GLU A 17 9.48 -6.69 25.86
CA GLU A 17 8.90 -5.41 26.22
C GLU A 17 7.44 -5.27 25.74
N LYS A 18 6.63 -4.43 26.38
CA LYS A 18 5.23 -4.26 26.01
C LYS A 18 5.08 -3.03 25.13
N VAL A 19 4.33 -3.18 24.04
CA VAL A 19 4.19 -2.13 23.04
C VAL A 19 2.72 -1.76 22.98
N THR A 20 2.42 -0.47 22.91
CA THR A 20 1.06 0.01 22.74
C THR A 20 1.25 1.16 21.75
N MET A 21 0.53 1.14 20.64
CA MET A 21 0.56 2.22 19.66
C MET A 21 -0.88 2.72 19.55
N THR A 22 -1.05 4.03 19.34
CA THR A 22 -2.35 4.65 19.41
C THR A 22 -2.82 5.31 18.12
N CYS A 23 -4.10 5.14 17.81
CA CYS A 23 -4.70 5.65 16.59
C CYS A 23 -5.87 6.51 17.03
N SER A 24 -5.92 7.77 16.64
CA SER A 24 -6.96 8.68 17.07
C SER A 24 -7.75 9.12 15.84
N ALA A 25 -9.07 9.23 15.94
CA ALA A 25 -9.91 9.61 14.82
C ALA A 25 -10.50 11.01 15.02
N SER A 26 -10.49 11.90 14.03
CA SER A 26 -11.05 13.25 14.15
C SER A 26 -12.55 13.35 14.44
N SER A 27 -13.28 12.25 14.24
CA SER A 27 -14.70 12.15 14.51
C SER A 27 -14.85 10.69 14.91
N SER A 28 -15.88 10.44 15.70
CA SER A 28 -16.20 9.13 16.22
C SER A 28 -16.32 8.10 15.11
N VAL A 29 -15.74 6.93 15.34
CA VAL A 29 -15.82 5.81 14.41
C VAL A 29 -16.46 4.70 15.23
N ASN A 30 -17.20 3.83 14.56
CA ASN A 30 -17.83 2.74 15.28
C ASN A 30 -16.88 1.61 15.56
N TYR A 31 -15.86 1.34 14.72
CA TYR A 31 -14.95 0.21 14.89
C TYR A 31 -13.58 0.54 14.32
N MET A 32 -12.54 -0.23 14.61
CA MET A 32 -11.20 -0.01 14.05
C MET A 32 -10.59 -1.27 13.52
N TYR A 33 -9.71 -1.10 12.54
CA TYR A 33 -9.07 -2.22 11.87
C TYR A 33 -7.58 -1.92 11.83
N TRP A 34 -6.74 -2.89 12.10
CA TRP A 34 -5.31 -2.68 12.12
C TRP A 34 -4.78 -3.67 11.11
N TYR A 35 -3.85 -3.22 10.29
CA TYR A 35 -3.23 -4.03 9.26
C TYR A 35 -1.75 -3.97 9.56
N GLN A 36 -0.99 -5.02 9.30
CA GLN A 36 0.44 -4.88 9.45
C GLN A 36 1.09 -5.03 8.07
N GLN A 37 2.24 -4.43 7.91
CA GLN A 37 2.97 -4.56 6.69
C GLN A 37 4.43 -4.77 7.02
N LYS A 38 5.02 -5.81 6.46
CA LYS A 38 6.43 -6.06 6.58
C LYS A 38 6.98 -5.61 5.24
N SER A 39 8.06 -4.82 5.22
CA SER A 39 8.58 -4.34 3.95
C SER A 39 9.03 -5.53 3.12
N GLY A 40 8.32 -5.62 2.00
CA GLY A 40 8.57 -6.69 1.06
C GLY A 40 7.28 -7.39 0.67
N THR A 41 6.22 -7.20 1.44
CA THR A 41 4.98 -7.92 1.20
C THR A 41 3.75 -7.05 1.32
N SER A 42 2.58 -7.51 0.85
CA SER A 42 1.31 -6.81 0.97
C SER A 42 0.87 -6.72 2.42
N PRO A 43 0.07 -5.74 2.83
CA PRO A 43 -0.55 -5.71 4.15
C PRO A 43 -1.34 -6.97 4.47
N LYS A 44 -1.45 -7.25 5.75
CA LYS A 44 -2.21 -8.39 6.23
C LYS A 44 -3.14 -7.80 7.27
N ARG A 45 -4.40 -8.20 7.27
CA ARG A 45 -5.35 -7.70 8.23
C ARG A 45 -4.97 -8.34 9.55
N TRP A 46 -4.68 -7.52 10.54
CA TRP A 46 -4.27 -8.04 11.83
C TRP A 46 -5.45 -8.08 12.77
N ILE A 47 -5.97 -6.91 13.13
CA ILE A 47 -7.06 -6.86 14.07
C ILE A 47 -8.22 -6.30 13.27
N TYR A 48 -9.42 -6.78 13.56
CA TYR A 48 -10.60 -6.31 12.90
C TYR A 48 -11.66 -6.13 13.96
N ASP A 49 -12.79 -5.48 13.63
CA ASP A 49 -13.88 -5.16 14.53
C ASP A 49 -13.47 -4.79 15.94
N THR A 50 -12.50 -3.87 15.93
CA THR A 50 -11.85 -3.29 17.11
C THR A 50 -10.99 -4.29 17.85
N SER A 51 -11.47 -5.45 18.27
CA SER A 51 -10.67 -6.34 19.09
C SER A 51 -10.46 -7.76 18.59
N LYS A 52 -11.00 -8.10 17.41
CA LYS A 52 -10.95 -9.48 16.93
C LYS A 52 -9.68 -9.75 16.17
N LEU A 53 -8.98 -10.83 16.54
CA LEU A 53 -7.69 -11.16 15.93
C LEU A 53 -7.90 -11.98 14.67
N ALA A 54 -7.31 -11.54 13.57
CA ALA A 54 -7.45 -12.27 12.33
C ALA A 54 -6.63 -13.53 12.40
N SER A 55 -7.05 -14.48 11.58
CA SER A 55 -6.42 -15.76 11.44
C SER A 55 -4.89 -15.78 11.39
N GLY A 56 -4.20 -16.04 12.49
CA GLY A 56 -2.73 -16.14 12.46
C GLY A 56 -2.04 -15.05 13.26
N VAL A 57 -2.81 -14.10 13.80
CA VAL A 57 -2.26 -13.08 14.67
C VAL A 57 -2.02 -13.81 15.98
N PRO A 58 -0.82 -13.81 16.56
CA PRO A 58 -0.60 -14.30 17.90
C PRO A 58 -1.45 -13.57 18.92
N VAL A 59 -1.87 -14.39 19.88
CA VAL A 59 -2.73 -14.00 20.98
C VAL A 59 -2.22 -12.80 21.78
N ARG A 60 -0.90 -12.55 21.77
CA ARG A 60 -0.28 -11.44 22.49
C ARG A 60 -0.67 -10.04 21.98
N PHE A 61 -1.38 -9.97 20.86
CA PHE A 61 -1.86 -8.72 20.32
C PHE A 61 -3.28 -8.52 20.82
N SER A 62 -3.62 -7.28 21.10
CA SER A 62 -4.98 -6.96 21.51
C SER A 62 -5.26 -5.59 20.91
N GLY A 63 -6.51 -5.29 20.60
CA GLY A 63 -6.87 -3.99 20.09
C GLY A 63 -7.97 -3.48 21.00
N SER A 64 -7.99 -2.18 21.24
CA SER A 64 -9.04 -1.64 22.09
C SER A 64 -9.35 -0.24 21.61
N GLY A 65 -10.29 0.37 22.31
CA GLY A 65 -10.64 1.74 22.08
C GLY A 65 -12.13 1.90 21.92
N SER A 66 -12.54 3.13 21.66
CA SER A 66 -13.93 3.46 21.46
C SER A 66 -13.99 4.92 21.06
N GLY A 67 -14.93 5.23 20.16
CA GLY A 67 -15.19 6.60 19.75
C GLY A 67 -14.03 7.21 18.96
N THR A 68 -13.03 7.70 19.69
CA THR A 68 -11.90 8.39 19.10
C THR A 68 -10.54 7.74 19.33
N SER A 69 -10.29 7.08 20.45
CA SER A 69 -8.95 6.59 20.73
C SER A 69 -8.92 5.09 20.68
N TYR A 70 -8.06 4.48 19.87
CA TYR A 70 -7.96 3.03 19.82
C TYR A 70 -6.49 2.64 19.94
N SER A 71 -6.15 1.39 20.21
CA SER A 71 -4.75 1.02 20.38
C SER A 71 -4.49 -0.44 20.07
N LEU A 72 -3.24 -0.78 19.80
CA LEU A 72 -2.83 -2.16 19.54
C LEU A 72 -1.78 -2.39 20.60
N THR A 73 -1.86 -3.48 21.35
CA THR A 73 -0.89 -3.76 22.39
C THR A 73 -0.35 -5.17 22.29
N ILE A 74 0.99 -5.25 22.27
CA ILE A 74 1.74 -6.49 22.19
C ILE A 74 2.21 -6.59 23.63
N SER A 75 2.06 -7.74 24.27
CA SER A 75 2.57 -7.93 25.60
C SER A 75 4.05 -8.30 25.47
N SER A 76 4.45 -9.54 25.15
CA SER A 76 5.86 -9.79 24.99
C SER A 76 6.15 -9.39 23.56
N MET A 77 6.95 -8.35 23.37
CA MET A 77 7.37 -7.99 22.04
C MET A 77 8.27 -9.13 21.58
N GLU A 78 8.21 -9.47 20.31
CA GLU A 78 9.03 -10.54 19.79
C GLU A 78 9.60 -9.94 18.53
N THR A 79 10.71 -10.42 18.00
CA THR A 79 11.36 -9.80 16.85
C THR A 79 10.50 -9.65 15.59
N GLU A 80 9.61 -10.61 15.36
CA GLU A 80 8.75 -10.62 14.19
C GLU A 80 7.52 -9.72 14.27
N ASP A 81 7.50 -8.81 15.23
CA ASP A 81 6.44 -7.84 15.35
C ASP A 81 6.96 -6.50 14.81
N ALA A 82 8.19 -6.50 14.28
CA ALA A 82 8.75 -5.30 13.69
C ALA A 82 8.17 -5.26 12.30
N ALA A 83 7.37 -4.23 12.07
CA ALA A 83 6.64 -4.01 10.85
C ALA A 83 6.01 -2.62 10.98
N THR A 84 5.16 -2.21 10.08
CA THR A 84 4.37 -0.99 10.29
C THR A 84 2.91 -1.39 10.51
N TYR A 85 2.32 -0.89 11.52
CA TYR A 85 0.96 -1.23 11.81
C TYR A 85 0.16 -0.02 11.39
N TYR A 86 -0.86 -0.21 10.57
CA TYR A 86 -1.69 0.88 10.11
C TYR A 86 -3.06 0.66 10.73
N CYS A 87 -3.82 1.70 11.06
CA CYS A 87 -5.18 1.49 11.50
C CYS A 87 -6.12 2.06 10.44
N GLN A 88 -7.40 1.69 10.40
CA GLN A 88 -8.34 2.13 9.40
C GLN A 88 -9.77 2.19 9.93
N GLN A 89 -10.48 3.25 9.60
CA GLN A 89 -11.90 3.34 9.90
C GLN A 89 -12.49 2.87 8.59
N TRP A 90 -13.42 1.94 8.61
CA TRP A 90 -13.95 1.34 7.39
C TRP A 90 -15.41 1.71 7.27
N GLY A 91 -15.69 3.00 7.39
CA GLY A 91 -17.04 3.52 7.35
C GLY A 91 -17.47 3.87 5.93
N ARG A 92 -18.21 4.97 5.80
CA ARG A 92 -18.82 5.34 4.51
C ARG A 92 -17.82 5.38 3.39
N ASN A 93 -16.62 5.85 3.68
CA ASN A 93 -15.55 5.77 2.71
C ASN A 93 -14.26 5.87 3.51
N PRO A 94 -13.64 4.67 3.59
CA PRO A 94 -12.50 4.35 4.45
C PRO A 94 -11.28 5.27 4.40
N THR A 95 -10.51 5.33 5.48
CA THR A 95 -9.26 6.07 5.52
C THR A 95 -8.29 5.26 6.36
N PHE A 96 -6.99 5.32 6.10
CA PHE A 96 -6.01 4.60 6.88
C PHE A 96 -5.21 5.67 7.58
N GLY A 97 -4.62 5.32 8.71
CA GLY A 97 -3.72 6.20 9.42
C GLY A 97 -2.32 6.07 8.81
N GLY A 98 -1.43 6.98 9.18
CA GLY A 98 -0.07 7.02 8.68
C GLY A 98 0.84 5.89 9.14
N GLY A 99 0.41 4.94 9.95
CA GLY A 99 1.30 3.90 10.44
C GLY A 99 2.18 4.34 11.59
N THR A 100 2.66 3.29 12.26
CA THR A 100 3.63 3.39 13.33
C THR A 100 4.58 2.26 12.98
N LYS A 101 5.82 2.63 12.69
CA LYS A 101 6.89 1.73 12.33
C LYS A 101 7.41 1.20 13.65
N LEU A 102 7.61 -0.09 13.73
CA LEU A 102 8.10 -0.70 14.93
C LEU A 102 9.40 -1.38 14.51
N GLU A 103 10.49 -0.90 15.08
CA GLU A 103 11.79 -1.49 14.83
C GLU A 103 12.34 -1.82 16.20
N ILE A 104 13.15 -2.87 16.27
CA ILE A 104 13.66 -3.33 17.53
C ILE A 104 14.96 -2.64 17.89
N LYS A 105 15.16 -2.38 19.17
CA LYS A 105 16.39 -1.71 19.58
C LYS A 105 17.40 -2.76 19.99
N ARG A 106 18.68 -2.51 19.71
CA ARG A 106 19.68 -3.52 19.99
C ARG A 106 21.05 -3.03 20.47
N ALA A 107 21.10 -1.83 21.07
CA ALA A 107 22.31 -1.16 21.55
C ALA A 107 23.06 -0.52 20.40
N ASP A 108 23.78 0.53 20.77
CA ASP A 108 24.41 1.42 19.81
C ASP A 108 25.62 0.74 19.24
N ALA A 109 25.75 0.78 17.92
CA ALA A 109 26.89 0.24 17.22
C ALA A 109 27.46 1.33 16.31
N ALA A 110 28.79 1.36 16.19
CA ALA A 110 29.48 2.33 15.37
C ALA A 110 29.39 1.94 13.90
N PRO A 111 29.15 2.86 12.97
CA PRO A 111 29.18 2.57 11.55
C PRO A 111 30.59 2.26 11.07
N THR A 112 30.76 1.35 10.12
CA THR A 112 32.04 1.14 9.46
C THR A 112 31.92 1.93 8.16
N VAL A 113 32.59 3.08 8.07
CA VAL A 113 32.51 3.92 6.89
C VAL A 113 33.57 3.52 5.87
N SER A 114 33.31 3.67 4.57
CA SER A 114 34.28 3.39 3.53
C SER A 114 34.03 4.34 2.36
N ILE A 115 35.06 4.83 1.64
CA ILE A 115 34.90 5.79 0.56
C ILE A 115 35.55 5.16 -0.64
N PHE A 116 34.98 5.34 -1.83
CA PHE A 116 35.49 4.77 -3.06
C PHE A 116 35.65 5.90 -4.06
N PRO A 117 36.84 6.08 -4.65
CA PRO A 117 37.12 6.92 -5.80
C PRO A 117 36.34 6.50 -7.03
N PRO A 118 35.89 7.40 -7.90
CA PRO A 118 35.23 7.04 -9.17
C PRO A 118 36.00 6.06 -10.05
N SER A 119 35.28 5.10 -10.62
CA SER A 119 35.91 4.12 -11.50
C SER A 119 36.42 4.74 -12.79
N SER A 120 37.44 4.15 -13.44
CA SER A 120 37.94 4.61 -14.73
C SER A 120 36.77 4.72 -15.70
N GLU A 121 35.96 3.67 -15.73
CA GLU A 121 34.77 3.58 -16.55
C GLU A 121 33.82 4.76 -16.46
N GLN A 122 33.58 5.24 -15.23
CA GLN A 122 32.70 6.36 -15.06
C GLN A 122 33.43 7.59 -15.52
N LEU A 123 34.69 7.77 -15.17
CA LEU A 123 35.42 8.92 -15.68
C LEU A 123 35.50 8.88 -17.21
N THR A 124 35.41 7.71 -17.84
CA THR A 124 35.37 7.55 -19.28
C THR A 124 34.01 8.01 -19.81
N SER A 125 32.94 8.09 -19.01
CA SER A 125 31.73 8.71 -19.51
C SER A 125 31.84 10.20 -19.37
N GLY A 126 32.63 10.65 -18.39
CA GLY A 126 32.73 12.05 -18.11
C GLY A 126 31.99 12.34 -16.81
N GLY A 127 31.51 11.33 -16.09
CA GLY A 127 30.87 11.55 -14.81
C GLY A 127 31.84 11.09 -13.74
N ALA A 128 31.65 11.44 -12.48
CA ALA A 128 32.52 10.92 -11.44
C ALA A 128 31.69 10.88 -10.17
N SER A 129 31.30 9.71 -9.66
CA SER A 129 30.55 9.61 -8.44
C SER A 129 31.51 9.13 -7.36
N VAL A 130 31.51 9.78 -6.20
CA VAL A 130 32.32 9.32 -5.09
C VAL A 130 31.29 8.66 -4.18
N VAL A 131 31.55 7.39 -3.89
CA VAL A 131 30.63 6.58 -3.10
C VAL A 131 31.17 6.40 -1.69
N CYS A 132 30.30 6.47 -0.70
CA CYS A 132 30.66 6.29 0.69
C CYS A 132 29.64 5.33 1.29
N PHE A 133 30.08 4.24 1.90
CA PHE A 133 29.18 3.31 2.53
C PHE A 133 29.39 3.37 4.04
N LEU A 134 28.35 3.69 4.79
CA LEU A 134 28.42 3.69 6.25
C LEU A 134 27.61 2.45 6.64
N ASN A 135 28.31 1.38 6.94
CA ASN A 135 27.67 0.12 7.20
C ASN A 135 27.49 -0.21 8.66
N ASN A 136 26.42 -0.97 8.92
CA ASN A 136 26.15 -1.63 10.18
C ASN A 136 26.14 -0.88 11.49
N PHE A 137 25.32 0.16 11.57
CA PHE A 137 25.22 0.94 12.78
C PHE A 137 23.83 0.91 13.39
N TYR A 138 23.71 1.26 14.67
CA TYR A 138 22.44 1.45 15.36
C TYR A 138 22.80 2.59 16.31
N PRO A 139 21.96 3.59 16.59
CA PRO A 139 20.75 3.92 15.87
C PRO A 139 20.91 4.60 14.52
N LYS A 140 19.81 4.50 13.79
CA LYS A 140 19.61 5.10 12.47
C LYS A 140 20.18 6.51 12.28
N ASP A 141 20.25 7.36 13.32
CA ASP A 141 20.73 8.72 13.17
C ASP A 141 22.15 8.70 12.69
N ILE A 142 22.32 9.35 11.57
CA ILE A 142 23.62 9.45 10.97
C ILE A 142 23.58 10.76 10.20
N ASN A 143 24.67 11.51 10.26
CA ASN A 143 24.77 12.77 9.57
C ASN A 143 25.96 12.58 8.63
N VAL A 144 25.86 13.04 7.39
CA VAL A 144 26.93 12.84 6.42
C VAL A 144 27.30 14.17 5.80
N LYS A 145 28.49 14.68 6.09
CA LYS A 145 28.94 15.93 5.56
C LYS A 145 30.08 15.54 4.62
N TRP A 146 30.06 16.15 3.44
CA TRP A 146 31.03 15.92 2.39
C TRP A 146 31.91 17.14 2.32
N LYS A 147 33.22 16.93 2.29
CA LYS A 147 34.18 18.00 2.23
C LYS A 147 34.98 17.80 0.96
N ILE A 148 35.29 18.87 0.24
CA ILE A 148 36.09 18.79 -0.97
C ILE A 148 37.19 19.81 -0.73
N ASP A 149 38.44 19.37 -0.86
CA ASP A 149 39.65 20.17 -0.64
C ASP A 149 39.66 20.98 0.64
N GLY A 150 39.02 20.36 1.61
CA GLY A 150 38.87 20.98 2.90
C GLY A 150 37.42 21.33 3.05
N SER A 151 37.18 22.37 3.85
CA SER A 151 35.84 22.78 4.15
C SER A 151 35.08 23.23 2.91
N GLU A 152 34.26 22.29 2.49
CA GLU A 152 33.33 22.55 1.43
C GLU A 152 32.05 21.80 1.81
N ARG A 153 31.19 21.65 0.82
CA ARG A 153 29.86 21.09 0.94
C ARG A 153 29.56 20.78 -0.52
N GLN A 154 28.54 20.01 -0.85
CA GLN A 154 28.20 19.85 -2.26
C GLN A 154 26.74 19.51 -2.43
N ASN A 155 26.23 19.45 -3.66
CA ASN A 155 24.80 19.21 -3.82
C ASN A 155 24.39 17.99 -4.59
N GLY A 156 25.29 17.36 -5.34
CA GLY A 156 24.92 16.13 -6.02
C GLY A 156 25.02 14.95 -5.06
N VAL A 157 24.38 15.04 -3.90
CA VAL A 157 24.48 14.01 -2.88
C VAL A 157 23.17 13.25 -2.88
N LEU A 158 23.27 11.96 -3.18
CA LEU A 158 22.12 11.07 -3.16
C LEU A 158 22.38 10.07 -2.06
N ASN A 159 21.56 10.27 -1.02
CA ASN A 159 21.60 9.44 0.16
C ASN A 159 20.56 8.36 0.05
N SER A 160 20.85 7.18 0.56
CA SER A 160 19.92 6.07 0.55
C SER A 160 20.24 5.24 1.79
N TRP A 161 19.25 4.61 2.41
CA TRP A 161 19.39 3.88 3.66
C TRP A 161 18.82 2.48 3.49
N THR A 162 19.30 1.48 4.20
CA THR A 162 18.63 0.20 4.17
C THR A 162 17.68 0.21 5.36
N ASP A 163 16.70 -0.68 5.22
CA ASP A 163 15.74 -0.95 6.26
C ASP A 163 16.53 -1.68 7.34
N GLN A 164 15.93 -1.81 8.53
CA GLN A 164 16.61 -2.46 9.63
C GLN A 164 16.90 -3.90 9.21
N ASP A 165 18.19 -4.24 9.22
CA ASP A 165 18.62 -5.57 8.82
C ASP A 165 17.99 -6.64 9.71
N SER A 166 17.49 -7.69 9.09
CA SER A 166 16.84 -8.78 9.79
C SER A 166 17.72 -9.62 10.72
N LYS A 167 18.94 -10.05 10.32
CA LYS A 167 19.87 -10.79 11.20
C LYS A 167 20.75 -9.76 11.91
N ASP A 168 20.22 -9.33 13.05
CA ASP A 168 20.78 -8.28 13.91
C ASP A 168 20.34 -6.95 13.30
N SER A 169 19.57 -6.29 14.07
CA SER A 169 18.93 -5.04 13.71
C SER A 169 19.86 -3.83 13.73
N THR A 170 20.77 -3.78 12.69
CA THR A 170 21.55 -2.63 12.30
C THR A 170 20.98 -1.91 11.07
N TYR A 171 21.56 -0.77 10.72
CA TYR A 171 21.21 0.06 9.59
C TYR A 171 22.45 0.28 8.75
N SER A 172 22.32 0.56 7.47
CA SER A 172 23.44 0.84 6.60
C SER A 172 22.98 2.04 5.78
N MET A 173 23.92 2.86 5.29
CA MET A 173 23.61 4.07 4.55
C MET A 173 24.60 4.18 3.39
N SER A 174 24.18 4.88 2.34
CA SER A 174 24.97 5.06 1.13
C SER A 174 24.84 6.55 0.86
N SER A 175 25.97 7.18 0.54
CA SER A 175 26.01 8.58 0.15
C SER A 175 26.84 8.56 -1.12
N THR A 176 26.37 9.26 -2.14
CA THR A 176 27.06 9.31 -3.40
C THR A 176 27.08 10.78 -3.75
N LEU A 177 28.27 11.30 -4.04
CA LEU A 177 28.45 12.66 -4.51
C LEU A 177 28.75 12.54 -5.99
N THR A 178 27.89 12.93 -6.90
CA THR A 178 28.19 12.80 -8.30
C THR A 178 28.56 14.19 -8.79
N LEU A 179 29.72 14.17 -9.44
CA LEU A 179 30.43 15.32 -9.96
C LEU A 179 30.68 15.09 -11.44
N THR A 180 31.05 16.14 -12.17
CA THR A 180 31.42 16.01 -13.56
C THR A 180 32.94 15.82 -13.56
N LYS A 181 33.51 15.12 -14.55
CA LYS A 181 34.94 14.89 -14.62
C LYS A 181 35.75 16.17 -14.40
N ASP A 182 35.39 17.33 -14.97
CA ASP A 182 36.16 18.53 -14.70
C ASP A 182 35.93 19.10 -13.33
N GLU A 183 34.78 19.03 -12.66
CA GLU A 183 34.70 19.49 -11.28
C GLU A 183 35.61 18.61 -10.44
N TYR A 184 35.65 17.32 -10.80
CA TYR A 184 36.43 16.35 -10.10
C TYR A 184 37.92 16.62 -10.25
N GLU A 185 38.49 16.63 -11.46
CA GLU A 185 39.92 16.81 -11.64
C GLU A 185 40.45 18.17 -11.23
N ARG A 186 39.56 19.12 -11.00
CA ARG A 186 39.91 20.46 -10.59
C ARG A 186 40.05 20.46 -9.06
N HIS A 187 40.16 19.32 -8.39
CA HIS A 187 40.20 19.25 -6.94
C HIS A 187 41.27 18.31 -6.41
N ASN A 188 41.24 17.84 -5.16
CA ASN A 188 42.18 16.82 -4.72
C ASN A 188 41.74 16.11 -3.46
N SER A 189 41.25 16.68 -2.34
CA SER A 189 40.79 15.82 -1.25
C SER A 189 39.28 15.70 -1.29
N TYR A 190 38.74 14.53 -0.93
CA TYR A 190 37.33 14.29 -0.86
C TYR A 190 37.19 13.57 0.48
N THR A 191 36.28 14.03 1.34
CA THR A 191 36.09 13.47 2.67
C THR A 191 34.61 13.17 2.95
N CYS A 192 34.37 11.97 3.43
CA CYS A 192 33.06 11.52 3.85
C CYS A 192 33.17 11.78 5.35
N GLU A 193 32.20 12.41 6.00
CA GLU A 193 32.31 12.71 7.42
C GLU A 193 31.00 12.37 8.11
N ALA A 194 31.04 11.52 9.13
CA ALA A 194 29.85 10.99 9.78
C ALA A 194 29.65 11.40 11.22
N THR A 195 28.44 11.76 11.59
CA THR A 195 28.10 12.13 12.94
C THR A 195 27.05 11.11 13.38
N HIS A 196 27.19 10.52 14.57
CA HIS A 196 26.29 9.49 15.05
C HIS A 196 26.56 9.31 16.53
N LYS A 197 25.49 9.07 17.31
CA LYS A 197 25.52 8.80 18.74
C LYS A 197 26.80 8.31 19.38
N THR A 198 27.37 7.31 18.72
CA THR A 198 28.53 6.61 19.20
C THR A 198 29.81 7.45 19.25
N SER A 199 29.89 8.63 18.64
CA SER A 199 31.14 9.33 18.67
C SER A 199 31.02 10.84 18.59
N THR A 200 32.07 11.32 19.26
CA THR A 200 32.41 12.72 19.45
C THR A 200 33.09 13.12 18.15
N SER A 201 34.08 12.28 17.82
CA SER A 201 34.84 12.39 16.61
C SER A 201 33.92 12.05 15.44
N PRO A 202 33.84 12.88 14.40
CA PRO A 202 33.25 12.52 13.13
C PRO A 202 34.00 11.35 12.54
N ILE A 203 33.35 10.31 12.03
CA ILE A 203 34.12 9.24 11.40
C ILE A 203 34.44 9.86 10.05
N VAL A 204 35.71 9.91 9.67
CA VAL A 204 36.10 10.51 8.40
C VAL A 204 36.84 9.49 7.60
N LYS A 205 36.58 9.46 6.30
CA LYS A 205 37.33 8.59 5.39
C LYS A 205 37.56 9.51 4.23
N SER A 206 38.77 9.55 3.71
CA SER A 206 39.11 10.48 2.65
C SER A 206 40.15 9.93 1.73
N PHE A 207 40.13 10.41 0.51
CA PHE A 207 41.20 10.10 -0.39
C PHE A 207 41.51 11.47 -0.96
N ASN A 208 42.87 11.74 -0.97
CA ASN A 208 43.16 13.05 -1.55
C ASN A 208 44.13 12.91 -2.72
N ARG A 209 43.59 12.49 -3.89
CA ARG A 209 44.43 12.31 -5.09
C ARG A 209 43.66 12.01 -6.41
N ASN A 210 42.94 13.00 -6.92
CA ASN A 210 42.24 12.82 -8.22
C ASN A 210 43.22 13.21 -9.33
N GLU A 211 44.38 13.71 -8.82
CA GLU A 211 45.56 14.10 -9.56
C GLU A 211 46.63 13.19 -8.92
N CYS A 212 47.83 13.18 -9.46
CA CYS A 212 48.92 12.39 -8.94
C CYS A 212 50.12 13.31 -9.01
N VAL B 2 -6.21 -20.15 -7.56
CA VAL B 2 -6.86 -19.78 -6.32
C VAL B 2 -6.22 -18.44 -6.05
N GLN B 3 -5.95 -18.09 -4.79
CA GLN B 3 -5.24 -16.83 -4.47
C GLN B 3 -6.02 -15.59 -5.02
N LEU B 4 -5.34 -14.49 -4.99
CA LEU B 4 -5.74 -13.24 -5.59
C LEU B 4 -4.50 -12.95 -6.37
N GLN B 5 -4.42 -13.25 -7.63
CA GLN B 5 -3.20 -13.03 -8.38
C GLN B 5 -3.48 -11.80 -9.20
N GLN B 6 -2.55 -10.86 -9.25
CA GLN B 6 -2.79 -9.62 -9.95
C GLN B 6 -2.00 -9.50 -11.24
N SER B 7 -1.99 -8.35 -11.89
CA SER B 7 -1.19 -8.16 -13.08
C SER B 7 0.21 -7.71 -12.74
N GLY B 8 1.12 -7.90 -13.68
CA GLY B 8 2.49 -7.46 -13.53
C GLY B 8 2.58 -5.94 -13.57
N ALA B 9 3.73 -5.38 -13.25
CA ALA B 9 3.92 -3.94 -13.21
C ALA B 9 3.72 -3.29 -14.56
N GLU B 10 3.38 -2.01 -14.59
CA GLU B 10 3.09 -1.30 -15.82
C GLU B 10 3.85 0.01 -15.82
N LEU B 11 4.17 0.48 -17.02
CA LEU B 11 4.85 1.75 -17.26
C LEU B 11 3.88 2.37 -18.24
N MET B 12 3.44 3.61 -18.01
CA MET B 12 2.44 4.24 -18.84
C MET B 12 2.82 5.69 -18.94
N LYS B 13 2.42 6.36 -20.01
CA LYS B 13 2.68 7.77 -20.19
C LYS B 13 1.53 8.53 -19.52
N PRO B 14 1.64 9.81 -19.14
CA PRO B 14 0.51 10.63 -18.72
C PRO B 14 -0.58 10.67 -19.77
N GLY B 15 -1.82 10.68 -19.30
CA GLY B 15 -2.98 10.80 -20.15
C GLY B 15 -3.62 9.46 -20.48
N ALA B 16 -2.82 8.40 -20.55
CA ALA B 16 -3.32 7.07 -20.87
C ALA B 16 -4.25 6.47 -19.82
N SER B 17 -4.78 5.28 -20.06
CA SER B 17 -5.61 4.59 -19.09
C SER B 17 -5.06 3.17 -18.95
N VAL B 18 -5.00 2.59 -17.77
CA VAL B 18 -4.49 1.24 -17.59
C VAL B 18 -5.61 0.43 -16.95
N LYS B 19 -5.60 -0.90 -17.07
CA LYS B 19 -6.60 -1.75 -16.47
C LYS B 19 -5.79 -2.86 -15.80
N ILE B 20 -6.09 -3.18 -14.55
CA ILE B 20 -5.35 -4.14 -13.72
C ILE B 20 -6.29 -5.32 -13.42
N SER B 21 -5.82 -6.54 -13.58
CA SER B 21 -6.63 -7.70 -13.32
C SER B 21 -6.39 -8.19 -11.89
N CYS B 22 -7.38 -8.84 -11.29
CA CYS B 22 -7.26 -9.48 -9.99
C CYS B 22 -7.97 -10.78 -10.25
N LYS B 23 -7.26 -11.90 -10.39
CA LYS B 23 -7.89 -13.18 -10.62
C LYS B 23 -7.98 -13.80 -9.27
N ALA B 24 -9.25 -13.72 -8.92
CA ALA B 24 -9.73 -14.17 -7.64
C ALA B 24 -10.37 -15.50 -7.95
N SER B 25 -9.66 -16.54 -7.60
CA SER B 25 -10.17 -17.87 -7.84
C SER B 25 -10.15 -18.63 -6.53
N GLY B 26 -11.05 -19.59 -6.33
CA GLY B 26 -11.00 -20.39 -5.12
C GLY B 26 -12.29 -20.39 -4.31
N TYR B 27 -13.33 -19.66 -4.71
CA TYR B 27 -14.57 -19.62 -3.96
C TYR B 27 -15.67 -19.19 -4.94
N THR B 28 -16.91 -19.01 -4.45
CA THR B 28 -18.03 -18.53 -5.26
C THR B 28 -17.78 -17.05 -5.49
N PHE B 29 -17.03 -16.75 -6.55
CA PHE B 29 -16.65 -15.40 -6.97
C PHE B 29 -17.75 -14.37 -6.79
N SER B 30 -18.88 -14.66 -7.39
CA SER B 30 -20.08 -13.83 -7.37
C SER B 30 -20.49 -13.20 -6.04
N ASP B 31 -20.17 -13.91 -4.97
CA ASP B 31 -20.62 -13.62 -3.64
C ASP B 31 -19.79 -12.73 -2.74
N TYR B 32 -18.53 -12.41 -3.02
CA TYR B 32 -17.74 -11.62 -2.07
C TYR B 32 -17.15 -10.37 -2.68
N TRP B 33 -17.22 -9.27 -1.94
CA TRP B 33 -16.66 -8.00 -2.36
C TRP B 33 -15.15 -8.09 -2.43
N ILE B 34 -14.58 -7.44 -3.43
CA ILE B 34 -13.16 -7.36 -3.60
C ILE B 34 -12.94 -5.87 -3.48
N GLU B 35 -12.01 -5.47 -2.61
CA GLU B 35 -11.66 -4.07 -2.44
C GLU B 35 -10.34 -3.81 -3.14
N TRP B 36 -10.06 -2.54 -3.45
CA TRP B 36 -8.83 -2.16 -4.09
C TRP B 36 -8.19 -1.04 -3.28
N VAL B 37 -6.88 -1.09 -3.00
CA VAL B 37 -6.20 -0.10 -2.19
C VAL B 37 -4.97 0.37 -2.93
N LYS B 38 -4.54 1.62 -2.76
CA LYS B 38 -3.38 2.18 -3.42
C LYS B 38 -2.37 2.55 -2.35
N GLN B 39 -1.12 2.18 -2.53
CA GLN B 39 -0.07 2.53 -1.61
C GLN B 39 0.92 3.44 -2.31
N ARG B 40 1.02 4.69 -1.86
CA ARG B 40 1.99 5.60 -2.45
C ARG B 40 3.14 5.42 -1.48
N PRO B 41 4.29 4.79 -1.77
CA PRO B 41 5.44 4.70 -0.87
C PRO B 41 5.82 6.12 -0.43
N GLY B 42 5.66 6.34 0.87
CA GLY B 42 5.89 7.65 1.44
C GLY B 42 4.59 8.15 2.05
N HIS B 43 3.45 8.06 1.36
CA HIS B 43 2.16 8.45 1.95
C HIS B 43 1.41 7.29 2.61
N GLY B 44 1.67 6.06 2.19
CA GLY B 44 0.92 4.97 2.73
C GLY B 44 -0.35 4.80 1.91
N LEU B 45 -1.31 4.17 2.56
CA LEU B 45 -2.51 3.68 1.92
C LEU B 45 -3.70 4.61 1.72
N GLU B 46 -4.42 4.38 0.62
CA GLU B 46 -5.60 5.11 0.22
C GLU B 46 -6.62 4.03 -0.14
N TRP B 47 -7.92 4.12 0.15
CA TRP B 47 -8.85 3.06 -0.22
C TRP B 47 -9.53 3.56 -1.46
N ILE B 48 -9.50 2.78 -2.54
CA ILE B 48 -10.08 3.27 -3.77
C ILE B 48 -11.57 2.99 -3.84
N GLY B 49 -11.97 1.73 -3.73
CA GLY B 49 -13.35 1.35 -3.87
C GLY B 49 -13.45 -0.15 -3.90
N GLU B 50 -14.57 -0.71 -4.34
CA GLU B 50 -14.74 -2.13 -4.30
C GLU B 50 -15.83 -2.55 -5.26
N ILE B 51 -15.91 -3.86 -5.58
CA ILE B 51 -16.92 -4.37 -6.49
C ILE B 51 -17.43 -5.72 -6.01
N LEU B 52 -18.73 -5.99 -6.09
CA LEU B 52 -19.30 -7.27 -5.77
C LEU B 52 -19.57 -7.95 -7.10
N PRO B 53 -18.66 -8.79 -7.61
CA PRO B 53 -18.65 -9.26 -8.97
C PRO B 53 -19.98 -9.81 -9.47
N GLY B 54 -20.72 -10.57 -8.67
CA GLY B 54 -21.97 -11.17 -9.12
C GLY B 54 -22.99 -10.18 -9.66
N SER B 55 -23.15 -9.04 -9.01
CA SER B 55 -24.15 -8.09 -9.42
C SER B 55 -23.57 -6.98 -10.28
N GLY B 56 -22.31 -6.69 -9.96
CA GLY B 56 -21.60 -5.61 -10.58
C GLY B 56 -21.87 -4.35 -9.77
N SER B 57 -22.30 -4.46 -8.52
CA SER B 57 -22.51 -3.28 -7.69
C SER B 57 -21.13 -2.80 -7.35
N THR B 58 -20.89 -1.50 -7.47
CA THR B 58 -19.58 -0.92 -7.31
C THR B 58 -19.69 0.25 -6.31
N ASN B 59 -18.76 0.40 -5.37
CA ASN B 59 -18.81 1.46 -4.37
C ASN B 59 -17.45 2.13 -4.47
N TYR B 60 -17.37 3.46 -4.57
CA TYR B 60 -16.12 4.17 -4.70
C TYR B 60 -15.93 5.14 -3.57
N HIS B 61 -14.69 5.53 -3.37
CA HIS B 61 -14.33 6.53 -2.39
C HIS B 61 -14.45 7.82 -3.15
N GLU B 62 -14.97 8.89 -2.55
CA GLU B 62 -15.06 10.21 -3.20
C GLU B 62 -13.89 10.60 -4.09
N ARG B 63 -12.68 10.41 -3.58
CA ARG B 63 -11.46 10.81 -4.27
C ARG B 63 -11.19 10.10 -5.58
N PHE B 64 -11.83 8.95 -5.80
CA PHE B 64 -11.57 8.14 -6.97
C PHE B 64 -12.79 7.93 -7.81
N LYS B 65 -13.96 8.48 -7.43
CA LYS B 65 -15.13 8.33 -8.28
C LYS B 65 -14.73 9.10 -9.52
N GLY B 66 -14.70 8.47 -10.70
CA GLY B 66 -14.31 9.21 -11.90
C GLY B 66 -12.87 8.97 -12.37
N LYS B 67 -11.97 8.58 -11.48
CA LYS B 67 -10.64 8.16 -11.85
C LYS B 67 -10.63 6.64 -11.95
N ALA B 68 -11.53 5.96 -11.25
CA ALA B 68 -11.56 4.51 -11.26
C ALA B 68 -12.90 4.01 -11.76
N THR B 69 -12.85 2.83 -12.38
CA THR B 69 -14.01 2.11 -12.88
C THR B 69 -13.72 0.64 -12.62
N PHE B 70 -14.59 -0.14 -11.98
CA PHE B 70 -14.31 -1.55 -11.71
C PHE B 70 -15.30 -2.34 -12.53
N THR B 71 -14.93 -3.52 -12.98
CA THR B 71 -15.77 -4.44 -13.72
C THR B 71 -15.31 -5.82 -13.29
N ALA B 72 -16.01 -6.87 -13.66
CA ALA B 72 -15.63 -8.20 -13.26
C ALA B 72 -16.08 -9.12 -14.36
N ASP B 73 -15.25 -10.05 -14.77
CA ASP B 73 -15.64 -11.02 -15.77
C ASP B 73 -15.97 -12.30 -15.03
N THR B 74 -17.27 -12.55 -14.92
CA THR B 74 -17.81 -13.69 -14.23
C THR B 74 -17.24 -15.04 -14.69
N SER B 75 -16.91 -15.22 -15.97
CA SER B 75 -16.42 -16.49 -16.44
C SER B 75 -14.93 -16.80 -16.24
N SER B 76 -14.11 -15.83 -15.86
CA SER B 76 -12.70 -16.12 -15.63
C SER B 76 -12.33 -15.81 -14.19
N SER B 77 -13.33 -15.48 -13.37
CA SER B 77 -13.13 -15.12 -11.98
C SER B 77 -12.10 -14.00 -11.86
N THR B 78 -12.33 -12.97 -12.67
CA THR B 78 -11.44 -11.85 -12.70
C THR B 78 -12.21 -10.57 -12.42
N ALA B 79 -11.57 -9.69 -11.67
CA ALA B 79 -12.07 -8.36 -11.41
C ALA B 79 -11.07 -7.47 -12.12
N TYR B 80 -11.46 -6.31 -12.60
CA TYR B 80 -10.54 -5.41 -13.26
C TYR B 80 -10.72 -4.04 -12.67
N MET B 81 -9.62 -3.30 -12.51
CA MET B 81 -9.71 -1.93 -12.08
C MET B 81 -9.12 -1.10 -13.19
N GLN B 82 -9.87 -0.15 -13.71
CA GLN B 82 -9.38 0.70 -14.75
C GLN B 82 -9.21 2.05 -14.11
N LEU B 83 -8.04 2.58 -14.39
CA LEU B 83 -7.58 3.86 -13.90
C LEU B 83 -7.36 4.64 -15.17
N ASN B 84 -7.96 5.81 -15.26
CA ASN B 84 -7.94 6.61 -16.48
C ASN B 84 -7.30 7.95 -16.25
N SER B 85 -6.70 8.50 -17.30
CA SER B 85 -6.07 9.80 -17.26
C SER B 85 -4.91 9.80 -16.28
N LEU B 86 -4.06 8.79 -16.46
CA LEU B 86 -2.98 8.53 -15.52
C LEU B 86 -2.01 9.68 -15.44
N THR B 87 -1.69 10.16 -14.25
CA THR B 87 -0.75 11.24 -14.08
C THR B 87 0.40 10.74 -13.23
N SER B 88 1.45 11.49 -12.94
CA SER B 88 2.58 11.02 -12.15
C SER B 88 2.19 10.52 -10.76
N GLU B 89 1.17 11.18 -10.20
CA GLU B 89 0.65 10.84 -8.90
C GLU B 89 -0.10 9.51 -8.94
N ASP B 90 -0.29 8.88 -10.09
CA ASP B 90 -0.94 7.59 -10.16
C ASP B 90 0.08 6.46 -10.00
N SER B 91 1.35 6.80 -9.89
CA SER B 91 2.33 5.77 -9.72
C SER B 91 2.18 5.24 -8.30
N GLY B 92 2.18 3.93 -8.09
CA GLY B 92 2.00 3.39 -6.76
C GLY B 92 1.85 1.90 -6.84
N VAL B 93 1.45 1.27 -5.74
CA VAL B 93 1.24 -0.17 -5.75
C VAL B 93 -0.25 -0.33 -5.49
N TYR B 94 -0.94 -1.06 -6.36
CA TYR B 94 -2.36 -1.25 -6.24
C TYR B 94 -2.66 -2.68 -5.85
N TYR B 95 -3.41 -2.83 -4.78
CA TYR B 95 -3.74 -4.12 -4.19
C TYR B 95 -5.22 -4.36 -4.38
N CYS B 96 -5.59 -5.62 -4.56
CA CYS B 96 -6.98 -6.02 -4.52
C CYS B 96 -7.02 -6.89 -3.27
N LEU B 97 -8.14 -6.96 -2.58
CA LEU B 97 -8.18 -7.68 -1.32
C LEU B 97 -9.57 -8.15 -0.96
N HIS B 98 -9.68 -8.84 0.17
CA HIS B 98 -10.92 -9.37 0.70
C HIS B 98 -11.04 -8.87 2.12
N GLY B 99 -12.21 -8.42 2.52
CA GLY B 99 -12.37 -8.01 3.89
C GLY B 99 -13.66 -8.58 4.42
N ASN B 100 -13.73 -9.87 4.72
CA ASN B 100 -14.95 -10.45 5.25
C ASN B 100 -14.56 -11.52 6.23
N TYR B 101 -15.58 -12.04 6.92
CA TYR B 101 -15.36 -13.02 7.96
C TYR B 101 -14.98 -14.41 7.50
N ASP B 102 -15.04 -14.73 6.22
CA ASP B 102 -14.64 -16.06 5.78
C ASP B 102 -13.20 -15.99 5.36
N PHE B 103 -12.77 -14.87 4.80
CA PHE B 103 -11.39 -14.68 4.40
C PHE B 103 -11.04 -13.23 4.16
N ASP B 104 -9.81 -12.89 4.50
CA ASP B 104 -9.29 -11.53 4.37
C ASP B 104 -8.00 -11.43 3.56
N GLY B 105 -7.88 -12.22 2.50
CA GLY B 105 -6.67 -12.25 1.71
C GLY B 105 -6.48 -10.99 0.87
N TRP B 106 -5.22 -10.60 0.67
CA TRP B 106 -4.86 -9.48 -0.18
C TRP B 106 -4.05 -10.04 -1.34
N GLY B 107 -3.89 -9.31 -2.43
CA GLY B 107 -3.00 -9.72 -3.50
C GLY B 107 -1.65 -9.04 -3.26
N GLN B 108 -0.62 -9.33 -4.05
CA GLN B 108 0.69 -8.71 -3.86
C GLN B 108 0.83 -7.32 -4.48
N GLY B 109 -0.10 -6.88 -5.30
CA GLY B 109 0.02 -5.56 -5.89
C GLY B 109 0.60 -5.60 -7.29
N THR B 110 0.20 -4.58 -8.06
CA THR B 110 0.65 -4.31 -9.41
C THR B 110 1.31 -2.95 -9.30
N THR B 111 2.59 -2.77 -9.63
CA THR B 111 3.20 -1.45 -9.49
C THR B 111 2.94 -0.64 -10.76
N LEU B 112 2.52 0.60 -10.62
CA LEU B 112 2.22 1.41 -11.78
C LEU B 112 3.19 2.55 -11.79
N THR B 113 3.85 2.81 -12.92
CA THR B 113 4.73 3.95 -13.08
C THR B 113 4.15 4.72 -14.26
N VAL B 114 3.86 6.00 -14.05
CA VAL B 114 3.36 6.86 -15.10
C VAL B 114 4.47 7.84 -15.46
N SER B 115 5.23 7.57 -16.53
CA SER B 115 6.27 8.48 -16.97
C SER B 115 6.57 8.35 -18.45
N SER B 116 7.24 9.36 -18.96
CA SER B 116 7.61 9.44 -20.36
C SER B 116 9.07 9.07 -20.62
N ALA B 117 9.85 8.76 -19.58
CA ALA B 117 11.27 8.51 -19.74
C ALA B 117 11.50 7.16 -20.38
N LYS B 118 12.43 7.11 -21.33
CA LYS B 118 12.70 5.90 -22.08
C LYS B 118 13.24 4.77 -21.21
N THR B 119 13.07 3.51 -21.63
CA THR B 119 13.69 2.41 -20.92
C THR B 119 15.18 2.59 -21.12
N THR B 120 15.91 2.97 -20.09
CA THR B 120 17.33 3.15 -20.24
C THR B 120 17.97 2.00 -19.47
N PRO B 121 18.83 1.19 -20.11
CA PRO B 121 19.65 0.16 -19.46
C PRO B 121 20.65 0.84 -18.54
N PRO B 122 21.03 0.27 -17.39
CA PRO B 122 21.95 0.88 -16.46
C PRO B 122 23.39 0.68 -16.88
N SER B 123 24.21 1.53 -16.30
CA SER B 123 25.63 1.40 -16.44
C SER B 123 26.09 0.81 -15.11
N VAL B 124 27.07 -0.10 -15.09
CA VAL B 124 27.50 -0.75 -13.87
C VAL B 124 28.96 -0.36 -13.73
N TYR B 125 29.27 0.26 -12.61
CA TYR B 125 30.59 0.72 -12.34
C TYR B 125 31.08 -0.05 -11.12
N PRO B 126 32.26 -0.67 -11.10
CA PRO B 126 32.78 -1.43 -9.95
C PRO B 126 33.31 -0.51 -8.89
N LEU B 127 33.29 -0.94 -7.63
CA LEU B 127 33.83 -0.15 -6.57
C LEU B 127 34.80 -1.05 -5.84
N ALA B 128 36.06 -0.73 -6.07
CA ALA B 128 37.19 -1.43 -5.48
C ALA B 128 37.94 -0.39 -4.66
N PRO B 129 38.64 -0.71 -3.57
CA PRO B 129 39.34 0.28 -2.77
C PRO B 129 40.75 0.62 -3.26
N GLY B 130 41.47 -0.39 -3.79
CA GLY B 130 42.86 -0.25 -4.17
C GLY B 130 43.71 -0.15 -2.90
N SER B 131 43.77 1.03 -2.30
CA SER B 131 44.52 1.27 -1.08
C SER B 131 43.64 0.97 0.13
N ALA B 132 43.54 -0.31 0.53
CA ALA B 132 42.71 -0.66 1.68
C ALA B 132 43.32 -0.21 3.00
N ALA B 133 43.11 1.06 3.35
CA ALA B 133 43.56 1.60 4.63
C ALA B 133 42.60 0.95 5.61
N GLN B 134 43.16 -0.14 6.14
CA GLN B 134 42.46 -1.07 7.00
C GLN B 134 41.44 -0.54 8.00
N THR B 135 40.24 -0.82 7.51
CA THR B 135 38.98 -0.58 8.17
C THR B 135 38.99 -1.37 9.49
N ASN B 136 39.47 -2.60 9.29
CA ASN B 136 39.63 -3.66 10.25
C ASN B 136 40.25 -4.73 9.35
N SER B 137 39.98 -6.02 9.54
CA SER B 137 40.48 -7.05 8.65
C SER B 137 39.48 -7.36 7.52
N MET B 138 38.55 -6.48 7.21
CA MET B 138 37.53 -6.77 6.22
C MET B 138 37.61 -5.74 5.10
N VAL B 139 37.45 -6.24 3.87
CA VAL B 139 37.44 -5.39 2.70
C VAL B 139 36.00 -5.34 2.24
N THR B 140 35.57 -4.15 1.88
CA THR B 140 34.26 -3.95 1.34
C THR B 140 34.48 -3.46 -0.09
N LEU B 141 33.59 -4.00 -0.91
CA LEU B 141 33.59 -3.79 -2.34
C LEU B 141 32.17 -3.37 -2.68
N GLY B 142 31.90 -2.88 -3.87
CA GLY B 142 30.54 -2.49 -4.21
C GLY B 142 30.33 -2.38 -5.70
N CYS B 143 29.08 -2.12 -6.05
CA CYS B 143 28.68 -1.88 -7.42
C CYS B 143 27.76 -0.67 -7.48
N LEU B 144 28.07 0.29 -8.34
CA LEU B 144 27.23 1.45 -8.52
C LEU B 144 26.51 1.15 -9.81
N VAL B 145 25.17 1.14 -9.85
CA VAL B 145 24.45 0.89 -11.10
C VAL B 145 23.71 2.20 -11.33
N LYS B 146 24.05 2.84 -12.42
CA LYS B 146 23.59 4.19 -12.66
C LYS B 146 22.75 4.37 -13.92
N GLY B 147 21.73 5.21 -13.81
CA GLY B 147 20.99 5.69 -14.95
C GLY B 147 19.98 4.74 -15.54
N TYR B 148 19.32 3.88 -14.78
CA TYR B 148 18.35 3.02 -15.41
C TYR B 148 16.95 3.54 -15.28
N PHE B 149 16.10 3.05 -16.18
CA PHE B 149 14.69 3.34 -16.14
C PHE B 149 14.02 2.19 -16.89
N PRO B 150 12.86 1.67 -16.47
CA PRO B 150 12.28 1.81 -15.14
C PRO B 150 12.87 0.90 -14.05
N GLU B 151 12.30 0.91 -12.83
CA GLU B 151 12.76 0.00 -11.79
C GLU B 151 11.97 -1.29 -11.98
N PRO B 152 12.46 -2.52 -11.71
CA PRO B 152 13.57 -2.85 -10.85
C PRO B 152 14.91 -3.24 -11.48
N VAL B 153 15.92 -3.42 -10.62
CA VAL B 153 17.20 -3.97 -11.02
C VAL B 153 17.47 -5.05 -9.97
N THR B 154 17.97 -6.22 -10.34
CA THR B 154 18.34 -7.23 -9.37
C THR B 154 19.84 -7.34 -9.39
N VAL B 155 20.48 -6.85 -8.35
CA VAL B 155 21.92 -7.01 -8.24
C VAL B 155 22.16 -8.20 -7.33
N THR B 156 22.99 -9.11 -7.80
CA THR B 156 23.37 -10.30 -7.07
C THR B 156 24.89 -10.31 -7.04
N TRP B 157 25.52 -11.06 -6.14
CA TRP B 157 26.97 -11.08 -6.05
C TRP B 157 27.35 -12.54 -6.14
N ASN B 158 28.36 -12.79 -6.98
CA ASN B 158 28.90 -14.11 -7.26
C ASN B 158 27.77 -15.09 -7.47
N SER B 159 26.85 -14.67 -8.33
CA SER B 159 25.68 -15.43 -8.70
C SER B 159 24.82 -16.00 -7.59
N GLY B 160 24.83 -15.34 -6.42
CA GLY B 160 23.97 -15.74 -5.32
C GLY B 160 24.75 -16.36 -4.18
N SER B 161 25.95 -16.86 -4.45
CA SER B 161 26.81 -17.44 -3.43
C SER B 161 27.16 -16.42 -2.36
N LEU B 162 27.34 -15.16 -2.73
CA LEU B 162 27.61 -14.16 -1.72
C LEU B 162 26.27 -13.55 -1.35
N SER B 163 25.76 -14.23 -0.35
CA SER B 163 24.48 -13.93 0.26
C SER B 163 24.67 -13.04 1.49
N SER B 164 25.56 -13.50 2.37
CA SER B 164 25.90 -12.83 3.61
C SER B 164 26.80 -11.63 3.39
N GLY B 165 26.58 -10.52 4.08
CA GLY B 165 27.47 -9.37 3.96
C GLY B 165 27.07 -8.38 2.90
N VAL B 166 26.10 -8.77 2.08
CA VAL B 166 25.55 -7.95 1.02
C VAL B 166 24.67 -6.85 1.62
N HIS B 167 24.52 -5.71 0.94
CA HIS B 167 23.63 -4.63 1.35
C HIS B 167 23.31 -3.86 0.09
N THR B 168 22.14 -4.11 -0.48
CA THR B 168 21.70 -3.35 -1.63
C THR B 168 20.85 -2.24 -1.02
N PHE B 169 21.09 -1.03 -1.49
CA PHE B 169 20.39 0.12 -0.95
C PHE B 169 19.30 0.50 -1.95
N PRO B 170 18.13 1.00 -1.55
CA PRO B 170 17.02 1.31 -2.43
C PRO B 170 17.40 2.34 -3.47
N ALA B 171 16.87 2.18 -4.67
CA ALA B 171 17.18 3.15 -5.70
C ALA B 171 16.58 4.51 -5.42
N VAL B 172 17.33 5.55 -5.67
CA VAL B 172 16.83 6.90 -5.52
C VAL B 172 16.59 7.39 -6.94
N LEU B 173 15.62 8.26 -7.18
CA LEU B 173 15.38 8.80 -8.50
C LEU B 173 16.12 10.12 -8.56
N GLN B 174 16.79 10.38 -9.68
CA GLN B 174 17.46 11.63 -9.92
C GLN B 174 16.68 12.25 -11.07
N SER B 175 17.31 12.79 -12.11
CA SER B 175 16.61 13.35 -13.26
C SER B 175 16.02 12.20 -14.10
N ASP B 176 14.83 11.71 -13.73
CA ASP B 176 14.13 10.63 -14.44
C ASP B 176 14.88 9.32 -14.65
N LEU B 177 15.84 9.02 -13.79
CA LEU B 177 16.64 7.80 -13.87
C LEU B 177 16.93 7.40 -12.44
N TYR B 178 17.21 6.12 -12.20
CA TYR B 178 17.50 5.64 -10.87
C TYR B 178 18.97 5.25 -10.74
N THR B 179 19.50 5.37 -9.53
CA THR B 179 20.84 4.96 -9.18
C THR B 179 20.73 4.05 -7.96
N LEU B 180 21.31 2.84 -8.01
CA LEU B 180 21.30 1.89 -6.90
C LEU B 180 22.74 1.46 -6.56
N SER B 181 23.02 1.06 -5.32
CA SER B 181 24.35 0.64 -4.94
C SER B 181 24.22 -0.69 -4.21
N SER B 182 25.28 -1.49 -4.11
CA SER B 182 25.25 -2.71 -3.33
C SER B 182 26.65 -2.86 -2.73
N SER B 183 26.81 -3.31 -1.48
CA SER B 183 28.13 -3.53 -0.91
C SER B 183 28.27 -4.97 -0.46
N VAL B 184 29.49 -5.51 -0.56
CA VAL B 184 29.71 -6.86 -0.10
C VAL B 184 30.96 -6.74 0.74
N THR B 185 31.01 -7.49 1.85
CA THR B 185 32.15 -7.46 2.72
C THR B 185 32.71 -8.86 2.88
N VAL B 186 33.99 -9.01 2.55
CA VAL B 186 34.69 -10.28 2.66
C VAL B 186 35.96 -10.02 3.45
N PRO B 187 36.57 -10.96 4.18
CA PRO B 187 37.89 -10.82 4.81
C PRO B 187 38.94 -10.36 3.81
N SER B 188 39.94 -9.66 4.21
CA SER B 188 40.97 -9.15 3.31
C SER B 188 41.96 -10.29 2.97
N SER B 189 41.41 -11.32 2.35
CA SER B 189 42.17 -12.53 1.92
C SER B 189 41.46 -13.05 0.66
N PRO B 190 40.10 -13.15 0.59
CA PRO B 190 39.44 -13.33 -0.67
C PRO B 190 39.82 -12.21 -1.61
N ARG B 191 39.54 -10.88 -1.68
CA ARG B 191 40.06 -10.01 -2.72
C ARG B 191 41.56 -9.82 -2.43
N PRO B 192 42.44 -9.78 -3.44
CA PRO B 192 42.15 -10.11 -4.83
C PRO B 192 42.17 -11.60 -5.20
N SER B 193 42.76 -12.41 -4.33
CA SER B 193 42.98 -13.83 -4.49
C SER B 193 41.78 -14.69 -4.91
N GLU B 194 40.57 -14.19 -4.71
CA GLU B 194 39.34 -14.86 -5.06
C GLU B 194 38.51 -13.82 -5.80
N THR B 195 37.74 -14.21 -6.81
CA THR B 195 36.97 -13.26 -7.61
C THR B 195 35.66 -12.87 -6.93
N VAL B 196 35.27 -11.61 -7.02
CA VAL B 196 33.99 -11.16 -6.49
C VAL B 196 33.41 -10.43 -7.70
N THR B 197 32.18 -10.75 -8.08
CA THR B 197 31.51 -10.22 -9.25
C THR B 197 30.09 -9.78 -8.89
N CYS B 198 29.52 -8.68 -9.41
CA CYS B 198 28.14 -8.38 -9.11
C CYS B 198 27.33 -8.55 -10.36
N ASN B 199 26.35 -9.44 -10.32
CA ASN B 199 25.49 -9.75 -11.45
C ASN B 199 24.30 -8.83 -11.39
N VAL B 200 24.32 -7.78 -12.20
CA VAL B 200 23.24 -6.81 -12.21
C VAL B 200 22.34 -7.14 -13.40
N ALA B 201 21.05 -7.36 -13.19
CA ALA B 201 20.12 -7.67 -14.26
C ALA B 201 19.06 -6.60 -14.29
N HIS B 202 18.71 -6.08 -15.45
CA HIS B 202 17.68 -5.07 -15.55
C HIS B 202 16.60 -5.69 -16.41
N PRO B 203 15.56 -6.28 -15.82
CA PRO B 203 14.51 -6.99 -16.55
C PRO B 203 13.76 -6.14 -17.57
N ALA B 204 13.57 -4.84 -17.35
CA ALA B 204 12.87 -3.99 -18.30
C ALA B 204 13.61 -3.77 -19.61
N SER B 205 14.86 -4.19 -19.66
CA SER B 205 15.64 -4.15 -20.88
C SER B 205 15.97 -5.64 -20.97
N SER B 206 17.12 -6.01 -21.49
CA SER B 206 17.56 -7.37 -21.35
C SER B 206 19.03 -7.09 -21.06
N THR B 207 19.24 -6.54 -19.87
CA THR B 207 20.57 -6.18 -19.43
C THR B 207 20.98 -7.25 -18.43
N LYS B 208 22.06 -7.93 -18.76
CA LYS B 208 22.66 -8.95 -17.92
C LYS B 208 24.08 -8.42 -17.89
N VAL B 209 24.64 -8.00 -16.77
CA VAL B 209 25.99 -7.47 -16.72
C VAL B 209 26.65 -8.10 -15.51
N ASP B 210 27.91 -8.49 -15.63
CA ASP B 210 28.63 -9.07 -14.51
C ASP B 210 29.88 -8.25 -14.35
N LYS B 211 30.05 -7.52 -13.25
CA LYS B 211 31.28 -6.78 -13.06
C LYS B 211 32.16 -7.49 -12.07
N LYS B 212 33.31 -7.91 -12.57
CA LYS B 212 34.32 -8.53 -11.75
C LYS B 212 35.06 -7.36 -11.11
N ILE B 213 35.11 -7.32 -9.78
CA ILE B 213 35.79 -6.22 -9.14
C ILE B 213 37.26 -6.59 -9.15
N VAL B 214 38.01 -5.79 -9.87
CA VAL B 214 39.45 -5.92 -10.01
C VAL B 214 40.04 -4.76 -9.20
N PRO B 215 41.21 -4.89 -8.57
CA PRO B 215 41.93 -3.77 -7.99
C PRO B 215 42.56 -2.76 -8.96
N LYS C 1 -30.23 -2.81 -12.62
CA LYS C 1 -31.14 -2.69 -13.74
C LYS C 1 -31.93 -1.47 -13.31
N VAL C 2 -32.20 -0.49 -14.17
CA VAL C 2 -32.89 0.71 -13.70
C VAL C 2 -34.31 0.48 -14.18
N PHE C 3 -35.23 0.27 -13.24
CA PHE C 3 -36.60 -0.07 -13.52
C PHE C 3 -37.56 0.78 -14.30
N GLY C 4 -37.65 2.09 -14.14
CA GLY C 4 -38.70 2.82 -14.85
C GLY C 4 -40.00 2.75 -14.05
N ARG C 5 -40.50 3.93 -13.67
CA ARG C 5 -41.61 4.10 -12.75
C ARG C 5 -42.80 3.16 -12.94
N CYS C 6 -43.66 3.29 -13.94
CA CYS C 6 -44.78 2.39 -14.13
C CYS C 6 -44.41 0.91 -14.34
N GLU C 7 -43.17 0.55 -14.72
CA GLU C 7 -42.83 -0.86 -14.84
C GLU C 7 -42.64 -1.36 -13.43
N LEU C 8 -41.96 -0.59 -12.58
CA LEU C 8 -41.79 -0.94 -11.17
C LEU C 8 -43.14 -0.93 -10.47
N ALA C 9 -43.95 0.10 -10.66
CA ALA C 9 -45.27 0.22 -10.08
C ALA C 9 -46.14 -1.00 -10.37
N ALA C 10 -46.10 -1.56 -11.58
CA ALA C 10 -46.83 -2.77 -11.89
C ALA C 10 -46.32 -3.96 -11.08
N ALA C 11 -45.01 -4.18 -11.09
CA ALA C 11 -44.37 -5.27 -10.36
C ALA C 11 -44.62 -5.25 -8.84
N MET C 12 -44.61 -4.05 -8.26
CA MET C 12 -44.87 -3.85 -6.85
C MET C 12 -46.33 -4.05 -6.53
N LYS C 13 -47.28 -3.61 -7.38
CA LYS C 13 -48.70 -3.82 -7.14
C LYS C 13 -48.95 -5.32 -7.10
N ARG C 14 -48.39 -6.03 -8.08
CA ARG C 14 -48.51 -7.48 -8.17
C ARG C 14 -48.05 -8.16 -6.90
N HIS C 15 -46.92 -7.72 -6.37
CA HIS C 15 -46.37 -8.28 -5.16
C HIS C 15 -47.03 -7.83 -3.87
N GLY C 16 -48.28 -7.37 -3.92
CA GLY C 16 -49.04 -7.01 -2.73
C GLY C 16 -48.61 -5.75 -2.00
N LEU C 17 -47.81 -4.88 -2.63
CA LEU C 17 -47.40 -3.67 -1.95
C LEU C 17 -48.45 -2.57 -2.04
N ASP C 18 -49.55 -2.75 -2.77
CA ASP C 18 -50.56 -1.71 -2.81
C ASP C 18 -51.30 -1.88 -1.51
N ASN C 19 -51.25 -0.83 -0.68
CA ASN C 19 -51.90 -0.80 0.63
C ASN C 19 -51.33 -1.84 1.57
N TYR C 20 -50.07 -2.24 1.37
CA TYR C 20 -49.46 -3.17 2.30
C TYR C 20 -49.25 -2.35 3.55
N ARG C 21 -49.90 -2.88 4.56
CA ARG C 21 -50.06 -2.34 5.90
C ARG C 21 -51.08 -1.24 5.77
N GLY C 22 -50.80 -0.23 4.96
CA GLY C 22 -51.75 0.84 4.67
C GLY C 22 -50.99 1.97 4.01
N TYR C 23 -50.11 1.57 3.09
CA TYR C 23 -49.25 2.49 2.35
C TYR C 23 -49.57 2.19 0.91
N SER C 24 -50.01 3.19 0.18
CA SER C 24 -50.43 2.94 -1.17
C SER C 24 -49.21 2.87 -2.07
N LEU C 25 -49.36 2.25 -3.25
CA LEU C 25 -48.29 2.07 -4.22
C LEU C 25 -47.35 3.24 -4.39
N GLY C 26 -47.90 4.45 -4.48
CA GLY C 26 -47.13 5.67 -4.63
C GLY C 26 -46.04 5.83 -3.59
N ASN C 27 -46.25 5.42 -2.34
CA ASN C 27 -45.22 5.50 -1.32
C ASN C 27 -44.04 4.61 -1.66
N TRP C 28 -44.33 3.39 -2.08
CA TRP C 28 -43.31 2.42 -2.40
C TRP C 28 -42.55 2.81 -3.64
N VAL C 29 -43.22 3.26 -4.70
CA VAL C 29 -42.54 3.73 -5.90
C VAL C 29 -41.76 5.00 -5.58
N CYS C 30 -42.26 5.84 -4.67
CA CYS C 30 -41.56 7.04 -4.25
C CYS C 30 -40.28 6.64 -3.53
N ALA C 31 -40.35 5.72 -2.56
CA ALA C 31 -39.19 5.31 -1.80
C ALA C 31 -38.17 4.78 -2.76
N ALA C 32 -38.57 3.85 -3.61
CA ALA C 32 -37.69 3.29 -4.62
C ALA C 32 -37.04 4.33 -5.52
N LYS C 33 -37.74 5.42 -5.82
CA LYS C 33 -37.14 6.49 -6.57
C LYS C 33 -36.07 7.14 -5.69
N PHE C 34 -36.35 7.61 -4.47
CA PHE C 34 -35.34 8.37 -3.74
C PHE C 34 -34.30 7.57 -2.97
N GLU C 35 -34.50 6.27 -2.85
CA GLU C 35 -33.51 5.43 -2.20
C GLU C 35 -32.47 4.98 -3.21
N SER C 36 -32.92 4.52 -4.39
CA SER C 36 -32.04 3.91 -5.35
C SER C 36 -32.14 4.43 -6.77
N ASN C 37 -33.16 5.23 -7.02
CA ASN C 37 -33.46 5.75 -8.34
C ASN C 37 -33.74 4.59 -9.29
N PHE C 38 -34.53 3.66 -8.76
CA PHE C 38 -35.01 2.47 -9.45
C PHE C 38 -33.93 1.50 -9.91
N ASN C 39 -32.66 1.66 -9.51
CA ASN C 39 -31.65 0.73 -9.96
C ASN C 39 -31.44 -0.41 -8.99
N THR C 40 -31.89 -1.61 -9.34
CA THR C 40 -31.75 -2.81 -8.51
C THR C 40 -30.38 -3.14 -7.92
N GLN C 41 -29.37 -2.69 -8.66
CA GLN C 41 -27.98 -2.98 -8.38
C GLN C 41 -27.34 -1.97 -7.44
N ALA C 42 -28.06 -0.93 -7.01
CA ALA C 42 -27.47 0.10 -6.18
C ALA C 42 -27.02 -0.32 -4.78
N THR C 43 -25.81 0.06 -4.46
CA THR C 43 -25.25 -0.19 -3.16
C THR C 43 -24.80 1.15 -2.61
N ASN C 44 -24.66 1.26 -1.29
CA ASN C 44 -24.21 2.48 -0.66
C ASN C 44 -23.65 2.06 0.68
N ARG C 45 -22.54 2.63 1.13
CA ARG C 45 -21.96 2.24 2.40
C ARG C 45 -22.43 3.17 3.49
N ASN C 46 -22.52 2.75 4.74
CA ASN C 46 -22.84 3.69 5.81
C ASN C 46 -21.69 3.77 6.79
N THR C 47 -21.78 4.72 7.70
CA THR C 47 -20.75 5.00 8.67
C THR C 47 -20.38 3.91 9.67
N ASP C 48 -21.18 2.84 9.79
CA ASP C 48 -20.86 1.78 10.72
C ASP C 48 -20.22 0.51 10.15
N GLY C 49 -19.90 0.46 8.84
CA GLY C 49 -19.30 -0.71 8.20
C GLY C 49 -20.31 -1.64 7.52
N SER C 50 -21.53 -1.13 7.32
CA SER C 50 -22.65 -1.84 6.70
C SER C 50 -22.98 -1.24 5.34
N THR C 51 -23.61 -1.98 4.45
CA THR C 51 -23.96 -1.46 3.15
C THR C 51 -25.45 -1.64 2.95
N ASP C 52 -26.06 -0.72 2.20
CA ASP C 52 -27.46 -0.74 1.83
C ASP C 52 -27.56 -1.37 0.45
N TYR C 53 -28.42 -2.37 0.27
CA TYR C 53 -28.49 -3.10 -0.97
C TYR C 53 -29.80 -2.98 -1.70
N GLY C 54 -29.63 -2.86 -3.00
CA GLY C 54 -30.74 -2.97 -3.92
C GLY C 54 -31.62 -1.77 -3.99
N ILE C 55 -32.72 -1.99 -4.72
CA ILE C 55 -33.70 -0.98 -5.01
C ILE C 55 -34.37 -0.43 -3.78
N LEU C 56 -34.60 -1.19 -2.70
CA LEU C 56 -35.19 -0.58 -1.53
C LEU C 56 -34.16 -0.36 -0.44
N GLN C 57 -32.86 -0.41 -0.79
CA GLN C 57 -31.77 -0.07 0.10
C GLN C 57 -31.81 -0.60 1.53
N ILE C 58 -32.08 -1.90 1.60
CA ILE C 58 -32.17 -2.64 2.86
C ILE C 58 -30.74 -2.82 3.38
N ASN C 59 -30.54 -2.51 4.65
CA ASN C 59 -29.22 -2.47 5.24
C ASN C 59 -28.78 -3.77 5.88
N SER C 60 -27.50 -4.08 5.79
CA SER C 60 -26.93 -5.32 6.29
C SER C 60 -26.69 -5.49 7.77
N ARG C 61 -26.89 -4.45 8.59
CA ARG C 61 -26.71 -4.54 10.02
C ARG C 61 -27.94 -5.25 10.58
N TRP C 62 -29.08 -4.61 10.35
CA TRP C 62 -30.33 -5.17 10.80
C TRP C 62 -30.95 -6.23 9.92
N TRP C 63 -31.03 -5.99 8.63
CA TRP C 63 -31.92 -6.78 7.82
C TRP C 63 -31.37 -7.90 7.00
N CYS C 64 -30.27 -7.80 6.28
CA CYS C 64 -29.79 -8.95 5.53
C CYS C 64 -28.37 -9.25 5.95
N ASN C 65 -27.76 -10.31 5.47
CA ASN C 65 -26.42 -10.70 5.87
C ASN C 65 -25.44 -10.53 4.71
N ASP C 66 -24.35 -9.79 4.85
CA ASP C 66 -23.39 -9.73 3.75
C ASP C 66 -21.98 -10.22 4.10
N GLY C 67 -21.82 -10.99 5.18
CA GLY C 67 -20.54 -11.60 5.54
C GLY C 67 -19.47 -10.67 6.10
N LYS C 68 -19.72 -9.36 6.23
CA LYS C 68 -18.70 -8.46 6.74
C LYS C 68 -19.17 -7.38 7.70
N THR C 69 -20.47 -7.19 7.90
CA THR C 69 -20.98 -6.21 8.85
C THR C 69 -20.93 -6.72 10.29
N PRO C 70 -20.26 -6.03 11.21
CA PRO C 70 -20.41 -6.27 12.64
C PRO C 70 -21.83 -6.11 13.13
N GLY C 71 -22.30 -6.94 14.05
CA GLY C 71 -23.65 -6.80 14.62
C GLY C 71 -24.80 -7.30 13.75
N SER C 72 -24.52 -8.08 12.70
CA SER C 72 -25.52 -8.57 11.77
C SER C 72 -26.67 -9.36 12.39
N ARG C 73 -27.82 -8.73 12.54
CA ARG C 73 -29.00 -9.42 13.04
C ARG C 73 -29.64 -10.24 11.92
N ASN C 74 -29.54 -9.83 10.65
CA ASN C 74 -30.09 -10.54 9.48
C ASN C 74 -31.56 -10.94 9.63
N LEU C 75 -32.38 -10.00 10.11
CA LEU C 75 -33.79 -10.21 10.36
C LEU C 75 -34.58 -10.68 9.15
N CYS C 76 -34.31 -10.20 7.95
CA CYS C 76 -35.02 -10.67 6.78
C CYS C 76 -34.59 -12.07 6.36
N ASN C 77 -33.55 -12.60 7.01
CA ASN C 77 -32.97 -13.91 6.75
C ASN C 77 -32.76 -14.27 5.29
N ILE C 78 -31.90 -13.45 4.67
CA ILE C 78 -31.59 -13.55 3.25
C ILE C 78 -30.18 -13.01 3.06
N PRO C 79 -29.35 -13.58 2.19
CA PRO C 79 -28.11 -12.96 1.75
C PRO C 79 -28.41 -11.62 1.10
N CYS C 80 -27.68 -10.59 1.47
CA CYS C 80 -27.88 -9.26 0.91
C CYS C 80 -27.74 -9.26 -0.60
N SER C 81 -26.91 -10.14 -1.15
CA SER C 81 -26.71 -10.26 -2.58
C SER C 81 -28.00 -10.60 -3.32
N ALA C 82 -28.93 -11.29 -2.67
CA ALA C 82 -30.20 -11.66 -3.30
C ALA C 82 -31.09 -10.45 -3.56
N LEU C 83 -30.75 -9.35 -2.92
CA LEU C 83 -31.49 -8.13 -3.05
C LEU C 83 -31.04 -7.35 -4.25
N LEU C 84 -30.06 -7.84 -5.00
CA LEU C 84 -29.55 -7.12 -6.16
C LEU C 84 -30.06 -7.67 -7.48
N SER C 85 -31.05 -8.55 -7.45
CA SER C 85 -31.54 -9.14 -8.68
C SER C 85 -32.54 -8.22 -9.36
N SER C 86 -32.65 -8.48 -10.65
CA SER C 86 -33.53 -7.74 -11.52
C SER C 86 -34.99 -8.11 -11.34
N ASP C 87 -35.37 -9.01 -10.43
CA ASP C 87 -36.77 -9.26 -10.16
C ASP C 87 -36.84 -8.95 -8.69
N ILE C 88 -37.68 -7.99 -8.35
CA ILE C 88 -37.73 -7.50 -6.98
C ILE C 88 -38.29 -8.40 -5.90
N THR C 89 -38.45 -9.72 -5.99
CA THR C 89 -39.10 -10.47 -4.91
C THR C 89 -38.30 -10.54 -3.61
N ALA C 90 -36.99 -10.83 -3.52
CA ALA C 90 -36.32 -10.89 -2.22
C ALA C 90 -36.35 -9.53 -1.51
N SER C 91 -36.26 -8.45 -2.29
CA SER C 91 -36.43 -7.12 -1.78
C SER C 91 -37.84 -6.84 -1.31
N VAL C 92 -38.90 -7.26 -2.01
CA VAL C 92 -40.25 -7.00 -1.54
C VAL C 92 -40.56 -7.83 -0.30
N ASN C 93 -40.12 -9.08 -0.24
CA ASN C 93 -40.39 -9.89 0.92
C ASN C 93 -39.70 -9.31 2.12
N CYS C 94 -38.43 -8.92 2.02
CA CYS C 94 -37.77 -8.26 3.14
C CYS C 94 -38.45 -6.92 3.45
N ALA C 95 -38.99 -6.19 2.47
CA ALA C 95 -39.65 -4.92 2.75
C ALA C 95 -40.92 -5.13 3.55
N LYS C 96 -41.62 -6.26 3.35
CA LYS C 96 -42.82 -6.57 4.09
C LYS C 96 -42.49 -6.68 5.57
N LYS C 97 -41.36 -7.32 5.90
CA LYS C 97 -40.91 -7.51 7.28
C LYS C 97 -40.52 -6.21 7.97
N ILE C 98 -39.82 -5.32 7.27
CA ILE C 98 -39.37 -4.03 7.81
C ILE C 98 -40.56 -3.16 8.26
N VAL C 99 -41.62 -3.19 7.46
CA VAL C 99 -42.85 -2.49 7.77
C VAL C 99 -43.53 -3.09 9.01
N SER C 100 -43.46 -4.41 9.19
CA SER C 100 -44.08 -5.10 10.30
C SER C 100 -43.44 -4.93 11.69
N ASP C 101 -42.37 -4.14 11.82
CA ASP C 101 -41.74 -3.91 13.12
C ASP C 101 -42.37 -2.76 13.90
N GLY C 102 -43.56 -2.29 13.53
CA GLY C 102 -44.22 -1.21 14.28
C GLY C 102 -43.56 0.15 14.17
N ASN C 103 -42.88 0.46 13.07
CA ASN C 103 -42.31 1.79 12.84
C ASN C 103 -42.70 2.33 11.46
N GLY C 104 -43.54 1.60 10.73
CA GLY C 104 -43.99 2.00 9.40
C GLY C 104 -42.83 2.19 8.45
N MET C 105 -43.05 2.99 7.41
CA MET C 105 -42.00 3.23 6.45
C MET C 105 -40.96 4.21 6.93
N ASN C 106 -40.98 4.62 8.19
CA ASN C 106 -39.94 5.49 8.74
C ASN C 106 -38.56 4.87 8.66
N ALA C 107 -38.53 3.54 8.61
CA ALA C 107 -37.32 2.79 8.45
C ALA C 107 -36.52 3.17 7.21
N TRP C 108 -37.15 3.86 6.27
CA TRP C 108 -36.49 4.28 5.05
C TRP C 108 -36.18 5.75 5.08
N VAL C 109 -34.91 6.08 5.21
CA VAL C 109 -34.42 7.46 5.22
C VAL C 109 -35.01 8.34 4.13
N ALA C 110 -34.87 7.95 2.86
CA ALA C 110 -35.38 8.75 1.76
C ALA C 110 -36.90 8.74 1.59
N TRP C 111 -37.65 7.77 2.12
CA TRP C 111 -39.11 7.84 2.07
C TRP C 111 -39.52 8.94 3.05
N ARG C 112 -38.85 8.94 4.20
CA ARG C 112 -39.12 9.90 5.24
C ARG C 112 -38.85 11.27 4.61
N ASN C 113 -37.60 11.58 4.30
CA ASN C 113 -37.22 12.87 3.75
C ASN C 113 -37.98 13.37 2.54
N ARG C 114 -38.11 12.54 1.50
CA ARG C 114 -38.69 12.97 0.25
C ARG C 114 -40.08 12.41 -0.07
N CYS C 115 -40.75 11.64 0.78
CA CYS C 115 -42.05 11.09 0.44
C CYS C 115 -43.07 11.21 1.58
N LYS C 116 -42.65 11.34 2.83
CA LYS C 116 -43.56 11.50 3.95
C LYS C 116 -44.27 12.84 3.76
N GLY C 117 -45.59 12.72 3.71
CA GLY C 117 -46.45 13.89 3.63
C GLY C 117 -46.46 14.55 2.27
N THR C 118 -45.94 13.90 1.23
CA THR C 118 -46.05 14.50 -0.08
C THR C 118 -47.22 13.78 -0.74
N ASP C 119 -47.67 14.31 -1.88
CA ASP C 119 -48.71 13.69 -2.65
C ASP C 119 -48.06 12.48 -3.33
N VAL C 120 -47.87 11.41 -2.58
CA VAL C 120 -47.23 10.21 -3.09
C VAL C 120 -48.02 9.55 -4.21
N GLN C 121 -49.30 9.87 -4.47
CA GLN C 121 -49.97 9.22 -5.59
C GLN C 121 -49.60 9.82 -6.93
N ALA C 122 -48.83 10.90 -6.94
CA ALA C 122 -48.31 11.45 -8.17
C ALA C 122 -47.38 10.44 -8.83
N TRP C 123 -46.77 9.57 -8.01
CA TRP C 123 -45.82 8.59 -8.52
C TRP C 123 -46.38 7.47 -9.37
N ILE C 124 -47.69 7.44 -9.55
CA ILE C 124 -48.30 6.49 -10.45
C ILE C 124 -49.25 7.23 -11.41
N ARG C 125 -49.13 8.57 -11.52
CA ARG C 125 -50.00 9.35 -12.38
C ARG C 125 -49.79 8.94 -13.82
N GLY C 126 -50.82 8.45 -14.48
CA GLY C 126 -50.67 8.06 -15.86
C GLY C 126 -50.01 6.70 -16.01
N CYS C 127 -49.89 5.90 -14.96
CA CYS C 127 -49.36 4.57 -15.13
C CYS C 127 -50.49 3.61 -15.42
N ARG C 128 -50.28 2.67 -16.36
CA ARG C 128 -51.20 1.58 -16.52
C ARG C 128 -50.75 0.67 -15.38
N LEU C 129 -51.72 0.06 -14.70
CA LEU C 129 -51.46 -0.84 -13.60
C LEU C 129 -52.49 -1.96 -13.69
#